data_3M3P
#
_entry.id   3M3P
#
_cell.length_a   33.648
_cell.length_b   42.720
_cell.length_c   50.448
_cell.angle_alpha   65.85
_cell.angle_beta   77.41
_cell.angle_gamma   69.82
#
_symmetry.space_group_name_H-M   'P 1'
#
loop_
_entity.id
_entity.type
_entity.pdbx_description
1 polymer 'Glutamine amido transferase'
2 water water
#
_entity_poly.entity_id   1
_entity_poly.type   'polypeptide(L)'
_entity_poly.pdbx_seq_one_letter_code
;(MSE)SLKPV(MSE)IIQFSASEGPGHFGDFLAGEHIPFQVLR(MSE)DRSDPLPAEIRDCSGLA(MSE)(MSE)GGP
(MSE)SANDDLPW(MSE)PTLLALIRDAVAQRVPVIGHCLGGQLLAKA(MSE)GGEVTDSPHAEIGWVRAWPQHVPQALE
WLGTWDELELFEWHYQTFSIPPGAVHILRSEHCANQAYVLDDLHIGFQCHIE(MSE)QAH(MSE)VREWCSISPEELKGG
AEADPAQP(MSE)VQSAVEILRDLDVRIATLNRWAEHVYARWIKGLQREGHHHHHH
;
_entity_poly.pdbx_strand_id   A
#
# COMPACT_ATOMS: atom_id res chain seq x y z
N SER A 2 -4.85 -18.65 -17.09
CA SER A 2 -3.79 -19.49 -16.43
C SER A 2 -2.63 -18.64 -15.85
N LEU A 3 -2.91 -17.38 -15.52
CA LEU A 3 -1.86 -16.50 -15.01
C LEU A 3 -1.49 -17.09 -13.65
N LYS A 4 -0.21 -16.97 -13.24
CA LYS A 4 0.10 -17.30 -11.84
C LYS A 4 -0.60 -16.28 -10.95
N PRO A 5 -1.05 -16.71 -9.77
CA PRO A 5 -1.78 -15.78 -8.94
C PRO A 5 -0.89 -14.60 -8.49
N VAL A 6 -1.51 -13.47 -8.28
CA VAL A 6 -0.91 -12.40 -7.46
C VAL A 6 -0.91 -12.88 -6.02
N MSE A 7 0.24 -12.82 -5.34
CA MSE A 7 0.32 -13.13 -3.94
C MSE A 7 0.07 -11.87 -3.14
O MSE A 7 0.73 -10.87 -3.38
CB MSE A 7 1.68 -13.70 -3.66
CG MSE A 7 2.06 -13.75 -2.20
SE MSE A 7 3.71 -14.77 -1.69
CE MSE A 7 5.15 -13.96 -2.85
N ILE A 8 -0.84 -11.90 -2.21
CA ILE A 8 -1.18 -10.76 -1.35
C ILE A 8 -0.83 -11.14 0.09
N ILE A 9 0.06 -10.36 0.67
CA ILE A 9 0.45 -10.54 2.06
C ILE A 9 -0.40 -9.63 2.93
N GLN A 10 -1.11 -10.29 3.84
CA GLN A 10 -1.97 -9.62 4.79
C GLN A 10 -1.41 -9.83 6.19
N PHE A 11 -1.55 -8.82 7.05
CA PHE A 11 -0.89 -8.78 8.36
C PHE A 11 -1.88 -8.84 9.51
N SER A 12 -3.17 -8.72 9.20
CA SER A 12 -4.24 -8.82 10.20
C SER A 12 -5.57 -9.17 9.52
N ALA A 13 -6.54 -9.54 10.33
CA ALA A 13 -7.86 -9.89 9.78
C ALA A 13 -8.58 -8.69 9.22
N SER A 14 -8.36 -7.50 9.79
CA SER A 14 -9.17 -6.33 9.44
C SER A 14 -8.65 -5.56 8.25
N GLU A 15 -7.43 -5.85 7.84
CA GLU A 15 -6.77 -5.12 6.76
C GLU A 15 -6.64 -5.99 5.51
N GLY A 16 -7.76 -6.15 4.81
CA GLY A 16 -7.80 -7.04 3.66
C GLY A 16 -7.44 -6.29 2.38
N PRO A 17 -7.57 -6.99 1.24
CA PRO A 17 -7.19 -6.39 -0.04
C PRO A 17 -8.03 -5.18 -0.46
N GLY A 18 -9.25 -5.04 0.07
CA GLY A 18 -10.02 -3.85 -0.22
C GLY A 18 -10.30 -3.72 -1.71
N HIS A 19 -10.19 -2.49 -2.20
CA HIS A 19 -10.43 -2.18 -3.55
C HIS A 19 -9.50 -2.94 -4.51
N PHE A 20 -8.28 -3.23 -4.05
CA PHE A 20 -7.32 -3.98 -4.84
C PHE A 20 -7.87 -5.37 -5.20
N GLY A 21 -8.44 -6.06 -4.22
CA GLY A 21 -9.07 -7.34 -4.45
C GLY A 21 -10.21 -7.28 -5.43
N ASP A 22 -11.07 -6.29 -5.26
CA ASP A 22 -12.17 -6.12 -6.19
C ASP A 22 -11.67 -5.80 -7.61
N PHE A 23 -10.58 -5.03 -7.71
CA PHE A 23 -10.01 -4.68 -8.98
C PHE A 23 -9.50 -5.96 -9.69
N LEU A 24 -8.77 -6.80 -8.95
CA LEU A 24 -8.28 -8.04 -9.55
C LEU A 24 -9.42 -8.96 -9.96
N ALA A 25 -10.45 -9.04 -9.15
CA ALA A 25 -11.61 -9.87 -9.49
C ALA A 25 -12.24 -9.39 -10.80
N GLY A 26 -12.36 -8.06 -10.93
CA GLY A 26 -12.94 -7.50 -12.15
C GLY A 26 -12.07 -7.70 -13.38
N GLU A 27 -10.76 -7.86 -13.20
CA GLU A 27 -9.82 -8.25 -14.29
C GLU A 27 -9.65 -9.73 -14.46
N HIS A 28 -10.36 -10.51 -13.66
CA HIS A 28 -10.22 -11.99 -13.69
C HIS A 28 -8.75 -12.37 -13.55
N ILE A 29 -8.08 -11.68 -12.66
CA ILE A 29 -6.71 -12.02 -12.25
C ILE A 29 -6.79 -12.80 -10.93
N PRO A 30 -6.32 -14.05 -10.91
CA PRO A 30 -6.38 -14.79 -9.63
C PRO A 30 -5.42 -14.25 -8.61
N PHE A 31 -5.81 -14.35 -7.35
CA PHE A 31 -4.93 -13.94 -6.27
C PHE A 31 -5.05 -14.86 -5.06
N GLN A 32 -3.96 -14.96 -4.30
CA GLN A 32 -3.89 -15.81 -3.11
C GLN A 32 -3.39 -15.00 -1.93
N VAL A 33 -4.17 -14.91 -0.86
CA VAL A 33 -3.79 -14.23 0.37
C VAL A 33 -3.06 -15.18 1.30
N LEU A 34 -2.01 -14.65 1.91
CA LEU A 34 -1.27 -15.29 3.00
C LEU A 34 -1.31 -14.37 4.20
N ARG A 35 -1.68 -14.89 5.36
CA ARG A 35 -1.81 -14.16 6.62
C ARG A 35 -0.55 -14.35 7.49
N MSE A 36 0.24 -13.29 7.64
CA MSE A 36 1.45 -13.39 8.46
C MSE A 36 1.10 -13.63 9.93
O MSE A 36 1.89 -14.29 10.67
CB MSE A 36 2.29 -12.12 8.31
CG MSE A 36 2.88 -11.92 6.95
SE MSE A 36 3.95 -13.35 6.18
CE MSE A 36 2.58 -14.42 5.28
N ASP A 37 0.01 -13.04 10.39
CA ASP A 37 -0.43 -13.21 11.79
C ASP A 37 -0.92 -14.62 12.14
N ARG A 38 -1.14 -15.43 11.13
CA ARG A 38 -1.52 -16.83 11.32
C ARG A 38 -0.35 -17.73 10.99
N SER A 39 0.83 -17.14 10.77
CA SER A 39 2.07 -17.87 10.48
C SER A 39 1.96 -18.64 9.17
N ASP A 40 1.21 -18.12 8.20
CA ASP A 40 1.12 -18.81 6.88
C ASP A 40 2.49 -18.77 6.23
N PRO A 41 2.93 -19.92 5.68
CA PRO A 41 4.25 -19.95 5.09
C PRO A 41 4.37 -19.15 3.82
N LEU A 42 5.49 -18.49 3.67
CA LEU A 42 5.78 -17.76 2.43
C LEU A 42 6.39 -18.71 1.41
N PRO A 43 6.15 -18.47 0.12
CA PRO A 43 6.72 -19.35 -0.92
C PRO A 43 8.22 -19.16 -0.97
N ALA A 44 8.95 -20.24 -1.18
CA ALA A 44 10.40 -20.15 -1.38
C ALA A 44 10.76 -19.51 -2.68
N GLU A 45 9.90 -19.69 -3.68
CA GLU A 45 10.17 -19.19 -5.03
C GLU A 45 9.17 -18.08 -5.37
N ILE A 46 9.68 -16.89 -5.44
CA ILE A 46 8.90 -15.71 -5.82
C ILE A 46 8.24 -15.88 -7.21
N ARG A 47 8.89 -16.61 -8.10
CA ARG A 47 8.39 -16.78 -9.45
C ARG A 47 7.09 -17.64 -9.49
N ASP A 48 6.68 -18.20 -8.35
CA ASP A 48 5.39 -18.85 -8.23
C ASP A 48 4.25 -17.84 -8.27
N CYS A 49 4.55 -16.55 -8.22
CA CYS A 49 3.47 -15.53 -8.29
CA CYS A 49 3.54 -15.44 -8.22
C CYS A 49 3.71 -14.60 -9.47
N SER A 50 2.64 -14.01 -9.99
CA SER A 50 2.75 -13.08 -11.10
C SER A 50 3.15 -11.66 -10.61
N GLY A 51 2.85 -11.40 -9.34
CA GLY A 51 3.11 -10.10 -8.70
C GLY A 51 2.90 -10.26 -7.19
N LEU A 52 3.45 -9.36 -6.39
CA LEU A 52 3.43 -9.42 -4.95
C LEU A 52 2.80 -8.15 -4.44
N ALA A 53 1.73 -8.22 -3.68
CA ALA A 53 1.06 -7.07 -3.10
C ALA A 53 1.14 -7.23 -1.59
N MSE A 54 1.32 -6.13 -0.85
CA MSE A 54 1.34 -6.18 0.63
C MSE A 54 0.44 -5.11 1.16
O MSE A 54 0.47 -3.97 0.67
CB MSE A 54 2.77 -5.95 1.14
CG MSE A 54 3.76 -7.05 0.68
SE MSE A 54 5.54 -6.84 1.35
CE MSE A 54 6.11 -5.43 0.07
N MSE A 55 -0.41 -5.43 2.11
CA MSE A 55 -1.33 -4.51 2.76
C MSE A 55 -0.69 -3.87 3.97
O MSE A 55 0.52 -4.00 4.20
CB MSE A 55 -2.64 -5.25 3.09
CG MSE A 55 -3.17 -6.15 1.96
SE MSE A 55 -3.30 -5.31 0.14
CE MSE A 55 -4.36 -3.72 0.61
N GLY A 56 -1.50 -3.18 4.77
CA GLY A 56 -1.00 -2.55 6.00
C GLY A 56 -1.09 -3.51 7.18
N GLY A 57 -0.56 -3.12 8.30
CA GLY A 57 -0.78 -3.92 9.50
C GLY A 57 -0.52 -3.19 10.78
N PRO A 58 -0.94 -3.77 11.91
CA PRO A 58 -0.88 -3.16 13.24
C PRO A 58 0.43 -3.39 13.95
N MSE A 59 1.51 -3.17 13.23
CA MSE A 59 2.85 -3.35 13.75
CA MSE A 59 2.85 -3.37 13.76
C MSE A 59 3.77 -2.42 13.04
O MSE A 59 3.47 -1.94 11.95
CB MSE A 59 3.34 -4.72 13.41
CB MSE A 59 3.35 -4.81 13.57
CG MSE A 59 3.02 -5.03 11.98
CG MSE A 59 3.63 -5.27 12.14
SE MSE A 59 3.74 -6.69 11.54
SE MSE A 59 2.18 -6.30 11.23
CE MSE A 59 5.60 -6.02 11.31
CE MSE A 59 1.30 -7.31 12.67
N SER A 60 4.93 -2.18 13.63
CA SER A 60 5.95 -1.42 12.99
C SER A 60 6.78 -2.30 12.08
N ALA A 61 7.22 -1.75 10.95
CA ALA A 61 8.15 -2.41 10.08
C ALA A 61 9.45 -2.82 10.80
N ASN A 62 9.73 -2.19 11.93
CA ASN A 62 10.94 -2.48 12.71
C ASN A 62 10.77 -3.58 13.76
N ASP A 63 9.57 -4.10 13.89
CA ASP A 63 9.28 -5.10 14.93
C ASP A 63 9.93 -6.42 14.58
N ASP A 64 10.26 -7.17 15.61
CA ASP A 64 11.02 -8.42 15.49
C ASP A 64 10.05 -9.59 15.40
N LEU A 65 9.64 -9.87 14.18
CA LEU A 65 8.60 -10.86 13.88
C LEU A 65 9.21 -12.06 13.15
N PRO A 66 8.62 -13.25 13.32
CA PRO A 66 9.30 -14.49 12.86
C PRO A 66 9.47 -14.57 11.37
N TRP A 67 8.55 -13.94 10.63
CA TRP A 67 8.53 -13.96 9.15
C TRP A 67 9.28 -12.77 8.53
N MSE A 68 9.81 -11.86 9.35
CA MSE A 68 10.40 -10.67 8.80
C MSE A 68 11.63 -10.91 7.89
O MSE A 68 11.64 -10.42 6.74
CB MSE A 68 10.70 -9.63 9.88
CG MSE A 68 11.25 -8.35 9.37
SE MSE A 68 9.96 -7.28 8.29
CE MSE A 68 8.76 -6.76 9.75
N PRO A 69 12.62 -11.69 8.33
CA PRO A 69 13.76 -11.88 7.42
C PRO A 69 13.33 -12.54 6.11
N THR A 70 12.43 -13.52 6.21
CA THR A 70 11.99 -14.28 5.04
C THR A 70 11.26 -13.37 4.12
N LEU A 71 10.41 -12.51 4.65
CA LEU A 71 9.65 -11.61 3.74
C LEU A 71 10.52 -10.56 3.10
N LEU A 72 11.44 -9.95 3.86
CA LEU A 72 12.35 -8.97 3.24
C LEU A 72 13.16 -9.63 2.11
N ALA A 73 13.66 -10.86 2.33
CA ALA A 73 14.39 -11.57 1.29
C ALA A 73 13.51 -11.86 0.05
N LEU A 74 12.26 -12.24 0.28
CA LEU A 74 11.33 -12.47 -0.80
C LEU A 74 11.06 -11.21 -1.63
N ILE A 75 10.93 -10.06 -0.96
CA ILE A 75 10.76 -8.79 -1.68
C ILE A 75 11.99 -8.52 -2.53
N ARG A 76 13.17 -8.68 -1.95
CA ARG A 76 14.39 -8.54 -2.73
C ARG A 76 14.41 -9.44 -3.93
N ASP A 77 13.97 -10.69 -3.75
CA ASP A 77 13.93 -11.63 -4.86
C ASP A 77 12.94 -11.15 -5.97
N ALA A 78 11.78 -10.61 -5.55
CA ALA A 78 10.81 -10.10 -6.51
C ALA A 78 11.48 -9.00 -7.36
N VAL A 79 12.13 -8.05 -6.72
CA VAL A 79 12.78 -6.96 -7.46
C VAL A 79 13.85 -7.51 -8.38
N ALA A 80 14.68 -8.44 -7.90
CA ALA A 80 15.70 -9.07 -8.76
C ALA A 80 15.11 -9.81 -9.94
N GLN A 81 13.97 -10.46 -9.76
CA GLN A 81 13.34 -11.32 -10.75
C GLN A 81 12.32 -10.57 -11.62
N ARG A 82 12.17 -9.26 -11.37
CA ARG A 82 11.16 -8.46 -12.07
C ARG A 82 9.75 -8.93 -11.86
N VAL A 83 9.44 -9.43 -10.67
CA VAL A 83 8.07 -9.72 -10.27
C VAL A 83 7.61 -8.42 -9.57
N PRO A 84 6.62 -7.72 -10.15
CA PRO A 84 6.26 -6.43 -9.59
C PRO A 84 5.74 -6.52 -8.16
N VAL A 85 6.04 -5.48 -7.38
CA VAL A 85 5.60 -5.34 -6.00
C VAL A 85 4.78 -4.09 -5.84
N ILE A 86 3.69 -4.19 -5.10
CA ILE A 86 2.90 -3.02 -4.70
C ILE A 86 2.71 -3.07 -3.19
N GLY A 87 2.96 -1.97 -2.47
CA GLY A 87 2.84 -1.95 -1.02
C GLY A 87 1.98 -0.82 -0.55
N HIS A 88 1.08 -1.14 0.36
CA HIS A 88 0.11 -0.22 0.93
C HIS A 88 0.46 -0.02 2.44
N CYS A 89 0.80 1.21 2.86
CA CYS A 89 1.11 1.54 4.23
C CYS A 89 2.28 0.69 4.75
N LEU A 90 2.11 -0.21 5.74
CA LEU A 90 3.19 -1.11 6.12
C LEU A 90 3.82 -1.76 4.88
N GLY A 91 3.02 -2.20 3.93
CA GLY A 91 3.58 -2.81 2.72
C GLY A 91 4.52 -1.87 1.97
N GLY A 92 4.18 -0.57 1.87
CA GLY A 92 5.09 0.40 1.30
C GLY A 92 6.37 0.55 2.08
N GLN A 93 6.22 0.53 3.40
CA GLN A 93 7.37 0.57 4.29
C GLN A 93 8.27 -0.65 4.16
N LEU A 94 7.69 -1.83 3.99
CA LEU A 94 8.47 -3.05 3.88
C LEU A 94 9.18 -3.17 2.55
N LEU A 95 8.52 -2.79 1.47
CA LEU A 95 9.22 -2.66 0.18
C LEU A 95 10.44 -1.75 0.31
N ALA A 96 10.27 -0.58 0.92
CA ALA A 96 11.37 0.34 1.08
C ALA A 96 12.47 -0.24 1.93
N LYS A 97 12.12 -0.86 3.07
CA LYS A 97 13.13 -1.45 3.97
C LYS A 97 13.89 -2.57 3.30
N ALA A 98 13.17 -3.45 2.59
CA ALA A 98 13.81 -4.56 1.88
C ALA A 98 14.90 -4.04 0.93
N MSE A 99 14.63 -2.89 0.30
CA MSE A 99 15.55 -2.30 -0.66
C MSE A 99 16.54 -1.33 -0.09
O MSE A 99 17.28 -0.66 -0.86
CB MSE A 99 14.74 -1.68 -1.80
CG MSE A 99 13.87 -2.69 -2.47
SE MSE A 99 14.74 -4.34 -3.11
CE MSE A 99 16.06 -3.49 -4.19
N GLY A 100 16.63 -1.25 1.24
CA GLY A 100 17.67 -0.50 1.88
C GLY A 100 17.23 0.78 2.54
N GLY A 101 15.97 1.13 2.45
CA GLY A 101 15.43 2.25 3.15
C GLY A 101 15.24 1.97 4.64
N GLU A 102 14.88 3.01 5.38
CA GLU A 102 14.65 2.92 6.83
C GLU A 102 13.25 3.45 7.16
N VAL A 103 12.73 2.98 8.28
CA VAL A 103 11.39 3.36 8.73
C VAL A 103 11.55 3.97 10.09
N THR A 104 11.07 5.22 10.23
CA THR A 104 11.27 5.98 11.45
C THR A 104 9.95 6.58 11.93
N ASP A 105 9.92 7.01 13.18
CA ASP A 105 8.74 7.68 13.73
C ASP A 105 8.53 9.06 13.09
N SER A 106 7.31 9.32 12.67
CA SER A 106 6.96 10.62 12.13
C SER A 106 6.87 11.66 13.25
N PRO A 107 7.32 12.90 13.00
CA PRO A 107 7.08 13.95 14.01
C PRO A 107 5.63 14.06 14.42
N HIS A 108 4.75 13.94 13.42
CA HIS A 108 3.31 14.01 13.60
C HIS A 108 2.65 12.88 12.82
N ALA A 109 1.69 12.23 13.43
CA ALA A 109 0.96 11.17 12.77
C ALA A 109 0.03 11.75 11.65
N GLU A 110 -0.47 10.86 10.80
CA GLU A 110 -1.57 11.21 9.90
C GLU A 110 -2.66 10.22 10.08
N ILE A 111 -3.84 10.69 10.50
CA ILE A 111 -5.02 9.82 10.62
C ILE A 111 -6.19 10.57 10.04
N GLY A 112 -6.69 10.07 8.94
CA GLY A 112 -7.82 10.68 8.24
C GLY A 112 -7.47 11.10 6.85
N TRP A 113 -8.18 12.07 6.32
CA TRP A 113 -8.04 12.54 4.93
C TRP A 113 -7.04 13.66 4.87
N VAL A 114 -6.05 13.52 4.03
CA VAL A 114 -4.96 14.50 3.94
CA VAL A 114 -4.93 14.46 3.94
C VAL A 114 -4.77 15.00 2.52
N ARG A 115 -4.46 16.28 2.42
CA ARG A 115 -4.04 16.90 1.16
C ARG A 115 -2.65 16.45 0.74
N ALA A 116 -2.49 16.10 -0.53
CA ALA A 116 -1.19 15.67 -1.05
C ALA A 116 -0.99 16.18 -2.48
N TRP A 117 0.27 16.29 -2.84
CA TRP A 117 0.70 16.84 -4.14
C TRP A 117 1.69 15.92 -4.77
N PRO A 118 1.42 15.51 -6.03
CA PRO A 118 2.43 14.79 -6.77
C PRO A 118 3.71 15.62 -6.87
N GLN A 119 4.87 14.96 -6.89
CA GLN A 119 6.09 15.60 -7.30
C GLN A 119 6.02 15.84 -8.80
N HIS A 120 6.66 16.91 -9.23
CA HIS A 120 6.61 17.31 -10.66
C HIS A 120 7.62 16.55 -11.46
N VAL A 121 7.36 15.25 -11.60
CA VAL A 121 8.17 14.29 -12.33
C VAL A 121 7.26 13.47 -13.25
N PRO A 122 7.80 13.03 -14.38
CA PRO A 122 6.96 12.33 -15.32
C PRO A 122 6.43 11.03 -14.74
N GLN A 123 7.11 10.38 -13.83
CA GLN A 123 6.70 9.17 -13.21
C GLN A 123 5.40 9.39 -12.41
N ALA A 124 5.21 10.58 -11.81
CA ALA A 124 3.98 10.88 -11.07
C ALA A 124 2.81 10.94 -12.02
N LEU A 125 3.00 11.55 -13.19
CA LEU A 125 1.94 11.62 -14.18
C LEU A 125 1.58 10.19 -14.62
N GLU A 126 2.59 9.38 -14.90
CA GLU A 126 2.37 8.01 -15.41
C GLU A 126 1.59 7.14 -14.42
N TRP A 127 2.02 7.14 -13.16
CA TRP A 127 1.45 6.24 -12.16
C TRP A 127 0.22 6.80 -11.48
N LEU A 128 0.16 8.11 -11.22
CA LEU A 128 -1.00 8.72 -10.50
C LEU A 128 -2.02 9.34 -11.45
N GLY A 129 -1.63 9.65 -12.68
CA GLY A 129 -2.57 10.17 -13.67
C GLY A 129 -2.57 11.68 -13.84
N THR A 130 -1.86 12.40 -12.96
CA THR A 130 -2.04 13.85 -12.88
C THR A 130 -0.90 14.40 -12.00
N TRP A 131 -0.71 15.73 -12.08
CA TRP A 131 0.00 16.47 -11.05
C TRP A 131 -0.93 17.28 -10.15
N ASP A 132 -2.23 17.19 -10.32
CA ASP A 132 -3.16 17.94 -9.50
C ASP A 132 -3.06 17.37 -8.05
N GLU A 133 -3.50 18.20 -7.12
CA GLU A 133 -3.71 17.77 -5.74
C GLU A 133 -4.58 16.56 -5.65
N LEU A 134 -4.20 15.64 -4.77
CA LEU A 134 -4.95 14.44 -4.44
C LEU A 134 -5.33 14.47 -2.99
N GLU A 135 -6.37 13.75 -2.65
CA GLU A 135 -6.71 13.49 -1.26
C GLU A 135 -6.36 12.04 -0.92
N LEU A 136 -5.63 11.85 0.17
CA LEU A 136 -5.17 10.54 0.62
C LEU A 136 -5.87 10.11 1.90
N PHE A 137 -6.11 8.83 2.06
CA PHE A 137 -6.53 8.26 3.34
C PHE A 137 -5.31 7.73 4.07
N GLU A 138 -5.13 8.21 5.28
CA GLU A 138 -3.96 7.91 6.11
C GLU A 138 -4.33 7.33 7.46
N TRP A 139 -3.49 6.46 7.98
CA TRP A 139 -3.58 6.03 9.38
C TRP A 139 -2.23 5.44 9.76
N HIS A 140 -1.28 6.33 10.04
CA HIS A 140 0.12 5.91 10.27
C HIS A 140 0.86 6.83 11.18
N TYR A 141 1.83 6.22 11.87
CA TYR A 141 2.73 6.90 12.80
C TYR A 141 4.18 6.93 12.36
N GLN A 142 4.51 6.14 11.35
CA GLN A 142 5.91 6.07 10.88
C GLN A 142 5.98 6.42 9.41
N THR A 143 7.21 6.50 8.90
CA THR A 143 7.48 6.90 7.54
C THR A 143 8.66 6.15 6.98
N PHE A 144 8.62 5.80 5.67
CA PHE A 144 9.78 5.26 4.98
C PHE A 144 10.65 6.35 4.40
N SER A 145 11.97 6.13 4.38
CA SER A 145 12.83 6.87 3.46
C SER A 145 12.62 6.34 2.04
N ILE A 146 12.95 7.19 1.07
CA ILE A 146 12.87 6.78 -0.32
C ILE A 146 14.00 5.74 -0.57
N PRO A 147 13.66 4.51 -1.01
CA PRO A 147 14.71 3.53 -1.15
C PRO A 147 15.66 3.88 -2.30
N PRO A 148 16.92 3.42 -2.22
CA PRO A 148 17.85 3.67 -3.32
C PRO A 148 17.33 3.16 -4.68
N GLY A 149 17.52 4.03 -5.69
CA GLY A 149 17.10 3.76 -7.04
C GLY A 149 15.63 4.14 -7.28
N ALA A 150 14.88 4.52 -6.24
CA ALA A 150 13.45 4.82 -6.44
C ALA A 150 13.25 6.29 -6.70
N VAL A 151 12.15 6.61 -7.35
CA VAL A 151 11.71 7.97 -7.69
C VAL A 151 10.56 8.36 -6.81
N HIS A 152 10.74 9.39 -6.00
CA HIS A 152 9.72 10.01 -5.17
C HIS A 152 8.65 10.69 -6.03
N ILE A 153 7.37 10.32 -5.79
CA ILE A 153 6.30 10.85 -6.63
C ILE A 153 5.14 11.55 -5.92
N LEU A 154 5.11 11.60 -4.59
CA LEU A 154 3.95 12.13 -3.86
C LEU A 154 4.35 12.53 -2.47
N ARG A 155 3.85 13.69 -2.03
CA ARG A 155 4.10 14.25 -0.70
C ARG A 155 2.87 14.86 -0.05
N SER A 156 2.87 14.88 1.28
CA SER A 156 1.92 15.70 2.07
C SER A 156 2.69 16.61 2.98
N GLU A 157 2.00 17.56 3.64
CA GLU A 157 2.68 18.48 4.53
C GLU A 157 3.42 17.78 5.65
N HIS A 158 2.79 16.80 6.28
CA HIS A 158 3.37 16.16 7.45
C HIS A 158 4.07 14.82 7.18
N CYS A 159 4.10 14.41 5.91
CA CYS A 159 4.81 13.22 5.49
C CYS A 159 5.23 13.40 4.05
N ALA A 160 6.47 13.83 3.86
CA ALA A 160 6.96 14.07 2.53
C ALA A 160 6.92 12.80 1.68
N ASN A 161 7.18 11.65 2.26
CA ASN A 161 7.35 10.39 1.54
C ASN A 161 6.07 9.61 1.43
N GLN A 162 5.12 10.11 0.63
CA GLN A 162 3.88 9.40 0.41
C GLN A 162 3.95 8.25 -0.58
N ALA A 163 4.74 8.33 -1.63
CA ALA A 163 4.80 7.24 -2.65
C ALA A 163 6.11 7.36 -3.39
N TYR A 164 6.58 6.24 -3.88
CA TYR A 164 7.74 6.17 -4.75
C TYR A 164 7.51 5.04 -5.74
N VAL A 165 8.24 5.07 -6.86
CA VAL A 165 8.25 3.98 -7.83
CA VAL A 165 8.26 4.02 -7.86
C VAL A 165 9.66 3.53 -8.07
N LEU A 166 9.85 2.24 -8.24
CA LEU A 166 11.15 1.61 -8.46
C LEU A 166 11.16 0.81 -9.72
N ASP A 167 12.14 1.08 -10.59
CA ASP A 167 12.42 0.24 -11.79
C ASP A 167 11.17 0.21 -12.74
N ASP A 168 10.32 1.23 -12.74
N ASP A 168 10.38 1.29 -12.70
CA ASP A 168 9.14 1.22 -13.63
CA ASP A 168 9.11 1.46 -13.42
C ASP A 168 8.21 0.07 -13.32
C ASP A 168 8.24 0.18 -13.28
N LEU A 169 8.34 -0.52 -12.13
CA LEU A 169 7.63 -1.78 -11.87
C LEU A 169 6.93 -1.83 -10.51
N HIS A 170 7.60 -1.33 -9.50
CA HIS A 170 7.21 -1.46 -8.11
C HIS A 170 6.72 -0.11 -7.60
N ILE A 171 5.70 -0.10 -6.79
CA ILE A 171 5.21 1.15 -6.24
C ILE A 171 4.89 0.95 -4.75
N GLY A 172 5.31 1.89 -3.91
CA GLY A 172 5.00 1.88 -2.50
C GLY A 172 4.29 3.13 -2.10
N PHE A 173 3.29 2.97 -1.24
CA PHE A 173 2.49 4.08 -0.70
C PHE A 173 2.51 4.06 0.80
N GLN A 174 2.51 5.27 1.39
CA GLN A 174 2.27 5.43 2.82
C GLN A 174 0.81 5.43 3.14
N CYS A 175 0.02 6.00 2.25
CA CYS A 175 -1.42 6.09 2.36
C CYS A 175 -2.06 4.77 1.93
N HIS A 176 -3.39 4.66 2.10
CA HIS A 176 -4.18 3.51 1.77
C HIS A 176 -4.97 3.84 0.52
N ILE A 177 -4.49 3.37 -0.62
CA ILE A 177 -5.25 3.57 -1.85
C ILE A 177 -6.29 2.47 -2.07
N GLU A 178 -6.32 1.50 -1.14
CA GLU A 178 -7.27 0.35 -1.24
C GLU A 178 -8.62 0.56 -0.54
N MSE A 179 -8.86 1.72 0.03
CA MSE A 179 -10.01 1.87 0.88
C MSE A 179 -11.33 1.78 0.17
O MSE A 179 -11.53 2.27 -0.94
CB MSE A 179 -10.00 3.22 1.64
CG MSE A 179 -8.76 3.46 2.53
SE MSE A 179 -8.34 1.95 3.73
CE MSE A 179 -9.84 2.03 4.96
N GLN A 180 -12.26 1.17 0.89
CA GLN A 180 -13.70 1.20 0.59
C GLN A 180 -14.40 1.80 1.80
N ALA A 181 -15.61 2.36 1.63
CA ALA A 181 -16.26 3.11 2.70
C ALA A 181 -16.49 2.30 3.95
N HIS A 182 -16.90 1.03 3.74
CA HIS A 182 -17.23 0.21 4.91
C HIS A 182 -16.01 -0.14 5.76
N MSE A 183 -14.84 -0.17 5.12
CA MSE A 183 -13.58 -0.40 5.82
C MSE A 183 -13.20 0.81 6.67
O MSE A 183 -12.75 0.64 7.78
CB MSE A 183 -12.50 -0.67 4.80
CG MSE A 183 -12.68 -1.98 4.01
SE MSE A 183 -11.51 -2.17 2.50
CE MSE A 183 -9.84 -2.28 3.50
N VAL A 184 -13.36 2.02 6.13
CA VAL A 184 -13.14 3.24 6.94
C VAL A 184 -14.04 3.20 8.18
N ARG A 185 -15.31 2.88 7.99
CA ARG A 185 -16.22 2.77 9.12
C ARG A 185 -15.74 1.72 10.12
N GLU A 186 -15.37 0.55 9.63
CA GLU A 186 -14.90 -0.58 10.48
CA GLU A 186 -14.97 -0.51 10.56
C GLU A 186 -13.69 -0.16 11.31
N TRP A 187 -12.71 0.45 10.65
CA TRP A 187 -11.45 0.80 11.34
C TRP A 187 -11.75 1.83 12.40
N CYS A 188 -12.57 2.82 12.10
CA CYS A 188 -12.95 3.81 13.10
C CYS A 188 -13.64 3.17 14.31
N SER A 189 -14.44 2.14 14.07
CA SER A 189 -15.10 1.42 15.16
C SER A 189 -14.17 0.49 15.94
N ILE A 190 -13.15 -0.10 15.30
CA ILE A 190 -12.20 -0.95 16.01
C ILE A 190 -11.32 -0.09 16.95
N SER A 191 -10.89 1.10 16.50
CA SER A 191 -9.94 1.91 17.25
C SER A 191 -10.33 3.37 17.34
N PRO A 192 -11.42 3.66 18.01
CA PRO A 192 -11.90 5.03 18.18
C PRO A 192 -11.02 5.91 19.05
N GLU A 193 -10.26 5.29 19.92
CA GLU A 193 -9.44 6.04 20.86
C GLU A 193 -8.20 6.69 20.26
N GLU A 194 -7.82 6.28 19.07
CA GLU A 194 -6.73 6.89 18.33
C GLU A 194 -7.16 8.16 17.59
N LEU A 195 -8.47 8.39 17.45
CA LEU A 195 -8.99 9.51 16.66
C LEU A 195 -9.07 10.75 17.52
N LYS A 196 -9.20 11.92 16.89
CA LYS A 196 -9.26 13.21 17.63
C LYS A 196 -10.39 13.14 18.61
N GLY A 197 -10.11 13.53 19.84
CA GLY A 197 -11.07 13.42 20.92
C GLY A 197 -10.97 12.13 21.72
N GLY A 198 -10.30 11.12 21.18
CA GLY A 198 -10.18 9.80 21.75
C GLY A 198 -9.27 9.73 22.94
N ALA A 199 -9.38 8.63 23.69
CA ALA A 199 -8.66 8.50 24.94
C ALA A 199 -7.17 8.43 24.79
N GLU A 200 -6.68 7.87 23.69
CA GLU A 200 -5.22 7.65 23.44
C GLU A 200 -4.60 8.79 22.60
N ALA A 201 -5.42 9.58 21.93
CA ALA A 201 -4.91 10.58 21.00
C ALA A 201 -4.28 11.76 21.70
N ASP A 202 -3.14 12.22 21.19
CA ASP A 202 -2.52 13.43 21.68
C ASP A 202 -3.22 14.63 21.06
N PRO A 203 -3.90 15.46 21.88
CA PRO A 203 -4.61 16.62 21.32
C PRO A 203 -3.73 17.59 20.49
N ALA A 204 -2.42 17.54 20.68
CA ALA A 204 -1.50 18.40 19.92
C ALA A 204 -1.27 17.96 18.47
N GLN A 205 -1.71 16.75 18.12
CA GLN A 205 -1.54 16.28 16.77
C GLN A 205 -2.22 17.16 15.73
N PRO A 206 -1.45 17.70 14.76
CA PRO A 206 -2.03 18.60 13.77
C PRO A 206 -2.80 17.91 12.64
N MSE A 207 -2.63 16.58 12.49
CA MSE A 207 -3.19 15.85 11.35
C MSE A 207 -3.80 14.52 11.76
O MSE A 207 -3.67 13.53 11.07
CB MSE A 207 -2.13 15.71 10.27
CG MSE A 207 -2.71 15.36 8.87
SE MSE A 207 -4.14 16.51 8.21
CE MSE A 207 -5.75 15.43 8.78
N VAL A 208 -4.51 14.53 12.89
CA VAL A 208 -5.32 13.42 13.40
C VAL A 208 -6.73 13.94 13.48
N GLN A 209 -7.61 13.39 12.66
CA GLN A 209 -8.98 13.82 12.51
C GLN A 209 -9.89 13.05 13.46
N SER A 210 -11.07 13.63 13.69
CA SER A 210 -12.13 12.96 14.44
C SER A 210 -12.89 11.94 13.57
N ALA A 211 -13.64 11.06 14.23
CA ALA A 211 -14.54 10.16 13.53
C ALA A 211 -15.50 10.94 12.65
N VAL A 212 -16.04 12.01 13.20
CA VAL A 212 -16.98 12.83 12.41
C VAL A 212 -16.32 13.34 11.12
N GLU A 213 -15.10 13.86 11.23
CA GLU A 213 -14.40 14.36 10.04
C GLU A 213 -14.10 13.25 9.04
N ILE A 214 -13.72 12.07 9.55
CA ILE A 214 -13.36 10.98 8.68
C ILE A 214 -14.56 10.46 7.91
N LEU A 215 -15.72 10.45 8.57
CA LEU A 215 -16.94 9.94 7.96
C LEU A 215 -17.70 10.97 7.10
N ARG A 216 -17.26 12.21 7.16
CA ARG A 216 -17.97 13.31 6.47
C ARG A 216 -17.78 13.11 4.96
N ASP A 217 -18.91 13.08 4.23
CA ASP A 217 -18.91 12.90 2.79
C ASP A 217 -18.17 11.62 2.36
N LEU A 218 -18.28 10.58 3.19
CA LEU A 218 -17.45 9.37 3.01
C LEU A 218 -17.67 8.74 1.66
N ASP A 219 -18.90 8.48 1.26
CA ASP A 219 -19.10 7.72 0.03
C ASP A 219 -18.57 8.49 -1.17
N VAL A 220 -18.83 9.79 -1.27
CA VAL A 220 -18.36 10.53 -2.42
C VAL A 220 -16.83 10.61 -2.45
N ARG A 221 -16.18 10.81 -1.30
CA ARG A 221 -14.73 10.92 -1.31
C ARG A 221 -14.05 9.57 -1.53
N ILE A 222 -14.73 8.48 -1.12
CA ILE A 222 -14.26 7.14 -1.49
C ILE A 222 -14.34 6.90 -2.96
N ALA A 223 -15.41 7.33 -3.62
CA ALA A 223 -15.50 7.16 -5.04
C ALA A 223 -14.37 7.90 -5.75
N THR A 224 -14.07 9.11 -5.29
CA THR A 224 -12.96 9.88 -5.84
C THR A 224 -11.64 9.13 -5.70
N LEU A 225 -11.37 8.60 -4.53
CA LEU A 225 -10.18 7.81 -4.29
C LEU A 225 -10.16 6.56 -5.17
N ASN A 226 -11.28 5.88 -5.26
CA ASN A 226 -11.38 4.62 -6.06
C ASN A 226 -10.93 4.88 -7.47
N ARG A 227 -11.32 6.00 -8.03
CA ARG A 227 -11.02 6.26 -9.48
C ARG A 227 -9.54 6.39 -9.73
N TRP A 228 -8.77 7.14 -8.95
CA TRP A 228 -7.34 7.23 -9.22
C TRP A 228 -6.59 6.01 -8.67
N ALA A 229 -7.08 5.34 -7.65
CA ALA A 229 -6.51 4.07 -7.26
C ALA A 229 -6.59 3.10 -8.40
N GLU A 230 -7.71 3.08 -9.12
CA GLU A 230 -7.86 2.19 -10.25
C GLU A 230 -6.84 2.55 -11.34
N HIS A 231 -6.52 3.86 -11.53
CA HIS A 231 -5.48 4.23 -12.47
C HIS A 231 -4.11 3.59 -12.04
N VAL A 232 -3.78 3.71 -10.76
CA VAL A 232 -2.54 3.11 -10.25
C VAL A 232 -2.56 1.60 -10.49
N TYR A 233 -3.64 0.93 -10.13
CA TYR A 233 -3.70 -0.53 -10.22
C TYR A 233 -3.61 -0.99 -11.67
N ALA A 234 -4.30 -0.27 -12.56
CA ALA A 234 -4.21 -0.57 -13.98
C ALA A 234 -2.81 -0.44 -14.51
N ARG A 235 -2.06 0.57 -14.09
CA ARG A 235 -0.66 0.68 -14.50
C ARG A 235 0.14 -0.46 -13.92
N TRP A 236 -0.04 -0.74 -12.63
CA TRP A 236 0.75 -1.75 -11.96
C TRP A 236 0.62 -3.15 -12.56
N ILE A 237 -0.59 -3.54 -12.95
CA ILE A 237 -0.74 -4.89 -13.52
C ILE A 237 -0.14 -5.07 -14.90
N LYS A 238 0.19 -3.96 -15.57
CA LYS A 238 0.92 -4.11 -16.85
C LYS A 238 2.24 -4.85 -16.59
N GLY A 239 2.80 -4.77 -15.40
CA GLY A 239 4.06 -5.40 -15.06
C GLY A 239 3.97 -6.86 -14.61
N LEU A 240 2.77 -7.43 -14.49
CA LEU A 240 2.66 -8.82 -14.00
C LEU A 240 3.50 -9.74 -14.87
N GLN A 241 4.15 -10.70 -14.23
CA GLN A 241 4.87 -11.72 -14.96
C GLN A 241 3.92 -12.69 -15.63
N ARG A 242 4.20 -13.01 -16.91
CA ARG A 242 3.31 -13.89 -17.67
C ARG A 242 4.17 -14.97 -18.37
N GLU A 243 3.84 -16.24 -18.23
CA GLU A 243 4.52 -17.30 -19.04
C GLU A 243 4.14 -17.03 -20.54
N GLY A 244 5.13 -16.88 -21.40
CA GLY A 244 4.85 -16.70 -22.86
C GLY A 244 4.42 -18.06 -23.44
N HIS A 245 3.36 -18.10 -24.25
CA HIS A 245 3.00 -19.33 -24.95
C HIS A 245 4.08 -19.49 -26.05
N HIS A 246 4.55 -20.69 -26.31
CA HIS A 246 5.37 -21.02 -27.49
C HIS A 246 4.56 -21.76 -28.57
N HIS A 247 3.29 -22.06 -28.28
CA HIS A 247 2.40 -22.70 -29.23
C HIS A 247 0.97 -22.58 -28.68
N HIS A 248 0.00 -22.89 -29.52
CA HIS A 248 -1.42 -22.79 -29.15
C HIS A 248 -1.89 -24.07 -28.54
N HIS A 249 -3.14 -24.10 -28.09
CA HIS A 249 -3.75 -25.39 -27.78
C HIS A 249 -5.23 -25.46 -28.21
N HIS A 250 -5.43 -25.09 -29.46
CA HIS A 250 -6.71 -25.38 -30.12
C HIS A 250 -6.64 -26.68 -30.96
#